data_7I1O
#
_entry.id   7I1O
#
_cell.length_a   42.230
_cell.length_b   42.230
_cell.length_c   215.630
_cell.angle_alpha   90.00
_cell.angle_beta   90.00
_cell.angle_gamma   90.00
#
_symmetry.space_group_name_H-M   'P 43 2 2'
#
loop_
_entity.id
_entity.type
_entity.pdbx_description
1 polymer 'Serine protease subunit NS2B'
2 polymer 'Serine protease NS3'
3 non-polymer 'DIMETHYL SULFOXIDE'
4 non-polymer 8-chloroquinolin-4-amine
5 water water
#
loop_
_entity_poly.entity_id
_entity_poly.type
_entity_poly.pdbx_seq_one_letter_code
_entity_poly.pdbx_strand_id
1 'polypeptide(L)' SMGKSVDMYIERAGDITWEKDAEVTGNSPRLDVALDESGDFSLVEE A
2 'polypeptide(L)'
;MKEVKKGETTDGVYRVMTRRLLGSTQVGVGVMQEGVFHTMWHVTKGAALRSGEGRLDPYWGDVKQDLVSYCGPWKLDAAW
DGLSEVQLLAVPPGERAKNIQTLPGIFKTKDGDIGAVALDYPAGTSGSPILDKCGRVIGLYGNGVVIKNGSYVSAITQGK
REEETPVE
;
B
#
loop_
_chem_comp.id
_chem_comp.type
_chem_comp.name
_chem_comp.formula
A1BXH non-polymer 8-chloroquinolin-4-amine 'C9 H7 Cl N2'
DMS non-polymer 'DIMETHYL SULFOXIDE' 'C2 H6 O S'
#
# COMPACT_ATOMS: atom_id res chain seq x y z
N ASP A 7 -10.92 7.01 -18.04
CA ASP A 7 -9.48 7.02 -18.43
C ASP A 7 -8.70 7.52 -17.21
N MET A 8 -8.07 6.59 -16.50
CA MET A 8 -7.22 6.91 -15.33
C MET A 8 -5.87 7.45 -15.81
N TYR A 9 -5.27 8.27 -14.96
CA TYR A 9 -3.93 8.88 -15.12
C TYR A 9 -3.25 8.89 -13.74
N ILE A 10 -1.93 9.13 -13.75
CA ILE A 10 -1.08 9.09 -12.54
C ILE A 10 -0.41 10.44 -12.38
N GLU A 11 -0.25 10.88 -11.12
CA GLU A 11 0.55 12.08 -10.72
C GLU A 11 1.49 11.67 -9.59
N ARG A 12 2.75 12.07 -9.66
CA ARG A 12 3.76 11.76 -8.61
C ARG A 12 3.26 12.33 -7.28
N ALA A 13 3.52 11.64 -6.14
CA ALA A 13 3.10 12.08 -4.79
C ALA A 13 4.27 12.10 -3.80
N GLY A 14 5.43 11.54 -4.14
CA GLY A 14 6.68 11.77 -3.41
C GLY A 14 7.75 10.70 -3.72
N ASP A 15 8.90 10.79 -3.06
CA ASP A 15 9.97 9.76 -3.08
C ASP A 15 9.58 8.61 -2.17
N ILE A 16 10.22 7.46 -2.36
CA ILE A 16 10.10 6.29 -1.44
C ILE A 16 11.36 6.28 -0.57
N THR A 17 11.22 6.79 0.67
N THR A 17 11.23 6.76 0.68
N THR A 17 11.22 6.79 0.67
N THR A 17 11.23 6.76 0.68
CA THR A 17 12.31 6.95 1.68
CA THR A 17 12.35 6.88 1.65
CA THR A 17 12.31 6.95 1.68
CA THR A 17 12.35 6.88 1.65
C THR A 17 11.78 6.62 3.08
C THR A 17 11.82 6.68 3.08
C THR A 17 11.78 6.62 3.08
C THR A 17 11.82 6.68 3.08
N TRP A 18 12.65 6.07 3.93
CA TRP A 18 12.39 5.94 5.39
C TRP A 18 12.67 7.31 6.00
N GLU A 19 11.67 7.94 6.62
CA GLU A 19 11.82 9.29 7.23
C GLU A 19 11.99 9.15 8.73
N LYS A 20 13.23 9.26 9.23
N LYS A 20 13.23 9.26 9.23
N LYS A 20 13.24 9.22 9.21
N LYS A 20 13.24 9.22 9.21
CA LYS A 20 13.58 9.20 10.69
CA LYS A 20 13.58 9.20 10.69
CA LYS A 20 13.60 9.32 10.65
CA LYS A 20 13.60 9.32 10.65
C LYS A 20 12.65 10.12 11.48
C LYS A 20 12.65 10.12 11.48
C LYS A 20 12.77 10.44 11.29
C LYS A 20 12.77 10.44 11.29
N ASP A 21 12.27 9.70 12.69
N ASP A 21 12.27 9.70 12.69
N ASP A 21 12.19 10.18 12.46
N ASP A 21 12.19 10.18 12.46
CA ASP A 21 11.24 10.37 13.52
CA ASP A 21 11.24 10.37 13.52
CA ASP A 21 11.32 11.14 13.18
CA ASP A 21 11.32 11.14 13.18
C ASP A 21 10.04 10.68 12.63
C ASP A 21 10.04 10.68 12.63
C ASP A 21 9.98 11.23 12.44
C ASP A 21 9.98 11.23 12.44
N ALA A 22 9.21 9.67 12.36
N ALA A 22 9.21 9.67 12.36
N ALA A 22 9.27 10.10 12.34
N ALA A 22 9.27 10.10 12.34
CA ALA A 22 7.86 9.77 11.75
CA ALA A 22 7.86 9.77 11.75
CA ALA A 22 7.91 9.98 11.76
CA ALA A 22 7.91 9.98 11.76
C ALA A 22 6.82 9.48 12.83
C ALA A 22 6.82 9.48 12.83
C ALA A 22 6.93 9.54 12.84
C ALA A 22 6.93 9.54 12.84
N GLU A 23 5.56 9.83 12.59
N GLU A 23 5.56 9.83 12.59
N GLU A 23 5.66 9.95 12.72
N GLU A 23 5.66 9.95 12.72
CA GLU A 23 4.41 9.64 13.51
CA GLU A 23 4.41 9.64 13.51
CA GLU A 23 4.56 9.56 13.64
CA GLU A 23 4.56 9.56 13.64
C GLU A 23 4.18 8.15 13.78
C GLU A 23 4.18 8.15 13.78
C GLU A 23 4.54 8.03 13.78
C GLU A 23 4.54 8.03 13.78
N VAL A 24 4.76 7.62 14.87
N VAL A 24 4.76 7.62 14.87
N VAL A 24 4.84 7.53 14.99
N VAL A 24 4.84 7.53 14.99
CA VAL A 24 4.75 6.18 15.25
CA VAL A 24 4.75 6.18 15.25
CA VAL A 24 4.81 6.07 15.33
CA VAL A 24 4.81 6.07 15.33
C VAL A 24 3.42 5.85 15.94
C VAL A 24 3.42 5.85 15.94
C VAL A 24 3.46 5.76 16.00
C VAL A 24 3.46 5.76 16.00
N THR A 25 2.60 4.97 15.34
CA THR A 25 1.25 4.63 15.84
C THR A 25 0.85 3.23 15.33
N GLY A 26 -0.36 2.82 15.72
CA GLY A 26 -1.02 1.55 15.38
C GLY A 26 -0.50 0.36 16.17
N ASN A 27 -1.40 -0.58 16.44
CA ASN A 27 -1.11 -1.82 17.20
C ASN A 27 -0.65 -2.93 16.21
N SER A 28 -0.61 -4.19 16.66
CA SER A 28 0.09 -5.30 15.97
C SER A 28 -0.66 -6.61 16.13
N PRO A 29 -1.95 -6.69 15.71
CA PRO A 29 -2.82 -7.81 16.07
C PRO A 29 -2.50 -9.06 15.25
N ARG A 30 -2.67 -10.26 15.83
CA ARG A 30 -2.52 -11.60 15.17
C ARG A 30 -3.93 -12.10 14.83
N LEU A 31 -4.20 -12.39 13.56
CA LEU A 31 -5.58 -12.67 13.07
C LEU A 31 -5.57 -13.92 12.20
N ASP A 32 -6.50 -14.85 12.47
CA ASP A 32 -6.81 -16.01 11.58
C ASP A 32 -7.68 -15.50 10.45
N VAL A 33 -7.23 -15.63 9.19
CA VAL A 33 -8.00 -15.11 8.00
C VAL A 33 -8.02 -16.16 6.88
N ALA A 34 -9.08 -16.09 6.08
CA ALA A 34 -9.26 -16.88 4.84
C ALA A 34 -9.20 -15.95 3.61
N LEU A 35 -8.44 -16.36 2.59
CA LEU A 35 -8.36 -15.65 1.30
C LEU A 35 -9.12 -16.44 0.22
N ASP A 36 -10.17 -15.85 -0.36
CA ASP A 36 -11.06 -16.46 -1.38
C ASP A 36 -10.42 -16.28 -2.77
N GLU A 37 -10.96 -16.97 -3.77
CA GLU A 37 -10.52 -16.91 -5.19
C GLU A 37 -10.67 -15.48 -5.74
N SER A 38 -11.52 -14.65 -5.15
CA SER A 38 -11.75 -13.25 -5.57
C SER A 38 -10.71 -12.31 -4.97
N GLY A 39 -9.74 -12.83 -4.21
CA GLY A 39 -8.74 -12.02 -3.48
C GLY A 39 -9.34 -11.13 -2.38
N ASP A 40 -10.54 -11.44 -1.87
CA ASP A 40 -11.14 -10.81 -0.65
C ASP A 40 -10.69 -11.62 0.58
N PHE A 41 -10.06 -10.98 1.55
CA PHE A 41 -9.77 -11.54 2.89
C PHE A 41 -11.01 -11.47 3.79
N SER A 42 -11.09 -12.36 4.79
CA SER A 42 -12.24 -12.50 5.69
C SER A 42 -11.76 -13.08 7.03
N LEU A 43 -12.47 -12.70 8.11
CA LEU A 43 -12.12 -13.12 9.48
C LEU A 43 -12.66 -14.53 9.71
N VAL A 44 -11.74 -15.50 9.82
CA VAL A 44 -12.00 -16.91 10.21
C VAL A 44 -12.06 -16.94 11.73
N GLU A 45 -13.20 -17.25 12.32
CA GLU A 45 -13.31 -17.30 13.81
C GLU A 45 -13.81 -18.68 14.25
N GLY B 7 6.09 9.75 -20.88
CA GLY B 7 5.55 10.29 -19.58
C GLY B 7 6.58 10.28 -18.46
N GLU B 8 6.17 10.69 -17.24
CA GLU B 8 6.98 10.55 -15.99
C GLU B 8 7.22 9.04 -15.81
N THR B 9 8.49 8.62 -15.81
N THR B 9 8.50 8.65 -15.81
N THR B 9 8.49 8.62 -15.81
N THR B 9 8.50 8.65 -15.81
CA THR B 9 8.89 7.22 -15.50
CA THR B 9 8.99 7.27 -15.59
CA THR B 9 8.89 7.22 -15.50
CA THR B 9 8.99 7.27 -15.59
C THR B 9 9.82 7.20 -14.29
C THR B 9 9.85 7.22 -14.32
C THR B 9 9.82 7.20 -14.29
C THR B 9 9.85 7.22 -14.32
N THR B 10 9.88 8.31 -13.54
CA THR B 10 10.78 8.49 -12.38
C THR B 10 10.32 7.54 -11.27
N ASP B 11 11.27 6.85 -10.64
CA ASP B 11 11.01 6.05 -9.41
C ASP B 11 10.23 6.93 -8.42
N GLY B 12 9.41 6.31 -7.56
CA GLY B 12 8.66 7.03 -6.52
C GLY B 12 7.23 6.57 -6.47
N VAL B 13 6.41 7.18 -5.60
CA VAL B 13 4.98 6.79 -5.38
C VAL B 13 4.12 7.82 -6.11
N TYR B 14 2.91 7.41 -6.51
CA TYR B 14 2.02 8.14 -7.43
C TYR B 14 0.58 7.98 -6.97
N ARG B 15 -0.26 8.96 -7.29
CA ARG B 15 -1.72 8.86 -7.10
C ARG B 15 -2.26 8.26 -8.38
N VAL B 16 -3.32 7.46 -8.28
CA VAL B 16 -4.11 6.96 -9.42
C VAL B 16 -5.45 7.73 -9.38
N MET B 17 -5.71 8.50 -10.44
CA MET B 17 -6.85 9.45 -10.56
C MET B 17 -7.76 9.02 -11.71
N THR B 18 -9.08 9.19 -11.54
CA THR B 18 -10.13 9.09 -12.59
C THR B 18 -10.94 10.39 -12.69
N ARG B 19 -11.50 10.67 -13.87
CA ARG B 19 -12.45 11.80 -14.08
C ARG B 19 -13.86 11.25 -14.36
N ARG B 20 -14.04 9.92 -14.32
CA ARG B 20 -15.27 9.17 -14.69
C ARG B 20 -16.37 9.40 -13.65
N LEU B 21 -16.02 9.93 -12.48
CA LEU B 21 -16.97 10.42 -11.45
C LEU B 21 -16.93 11.97 -11.43
N LEU B 22 -17.64 12.53 -10.46
CA LEU B 22 -17.56 13.96 -10.08
C LEU B 22 -16.09 14.31 -9.82
N GLY B 23 -15.68 15.51 -10.26
CA GLY B 23 -14.29 15.99 -10.11
C GLY B 23 -13.25 14.99 -10.62
N SER B 24 -12.02 15.21 -10.23
CA SER B 24 -10.94 14.22 -10.24
C SER B 24 -10.98 13.51 -8.89
N THR B 25 -10.93 12.18 -8.88
CA THR B 25 -11.10 11.30 -7.70
C THR B 25 -9.91 10.35 -7.61
N GLN B 26 -9.18 10.39 -6.50
CA GLN B 26 -8.07 9.43 -6.24
C GLN B 26 -8.73 8.08 -5.89
N VAL B 27 -8.43 7.06 -6.68
CA VAL B 27 -9.00 5.70 -6.54
C VAL B 27 -7.95 4.81 -5.91
N GLY B 28 -6.69 5.22 -5.91
CA GLY B 28 -5.59 4.41 -5.34
C GLY B 28 -4.23 5.07 -5.51
N VAL B 29 -3.17 4.28 -5.33
CA VAL B 29 -1.74 4.70 -5.25
C VAL B 29 -0.90 3.59 -5.88
N GLY B 30 0.34 3.88 -6.23
CA GLY B 30 1.22 2.88 -6.83
C GLY B 30 2.65 3.33 -6.74
N VAL B 31 3.56 2.40 -7.01
CA VAL B 31 5.04 2.60 -7.02
C VAL B 31 5.57 2.42 -8.43
N MET B 32 6.26 3.43 -8.96
CA MET B 32 7.12 3.29 -10.14
C MET B 32 8.49 2.86 -9.65
N GLN B 33 9.06 1.78 -10.19
CA GLN B 33 10.45 1.34 -9.89
C GLN B 33 10.98 0.59 -11.09
N GLU B 34 12.23 0.81 -11.46
CA GLU B 34 12.87 0.14 -12.61
C GLU B 34 11.96 0.20 -13.84
N GLY B 35 11.27 1.32 -14.07
CA GLY B 35 10.45 1.54 -15.28
C GLY B 35 9.10 0.88 -15.22
N VAL B 36 8.75 0.24 -14.10
CA VAL B 36 7.47 -0.53 -13.91
C VAL B 36 6.61 0.19 -12.88
N PHE B 37 5.31 0.32 -13.16
CA PHE B 37 4.32 0.88 -12.20
C PHE B 37 3.60 -0.27 -11.50
N HIS B 38 3.68 -0.37 -10.17
CA HIS B 38 3.08 -1.47 -9.38
C HIS B 38 1.90 -0.93 -8.60
N THR B 39 0.75 -1.57 -8.66
CA THR B 39 -0.41 -1.12 -7.85
C THR B 39 -1.25 -2.32 -7.44
N MET B 40 -2.40 -2.07 -6.82
CA MET B 40 -3.32 -3.17 -6.47
C MET B 40 -4.38 -3.28 -7.57
N TRP B 41 -4.80 -4.51 -7.87
N TRP B 41 -4.81 -4.50 -7.88
N TRP B 41 -4.80 -4.51 -7.87
N TRP B 41 -4.81 -4.50 -7.88
CA TRP B 41 -5.73 -4.83 -8.99
CA TRP B 41 -5.72 -4.80 -9.02
CA TRP B 41 -5.73 -4.83 -8.99
CA TRP B 41 -5.72 -4.80 -9.02
C TRP B 41 -7.04 -4.05 -8.80
C TRP B 41 -7.06 -4.08 -8.82
C TRP B 41 -7.04 -4.06 -8.81
C TRP B 41 -7.06 -4.08 -8.82
N HIS B 42 -7.60 -4.06 -7.60
CA HIS B 42 -8.93 -3.45 -7.32
C HIS B 42 -8.92 -1.95 -7.64
N VAL B 43 -7.75 -1.31 -7.69
CA VAL B 43 -7.61 0.14 -8.00
C VAL B 43 -7.97 0.37 -9.47
N THR B 44 -7.26 -0.28 -10.41
CA THR B 44 -7.39 -0.01 -11.89
C THR B 44 -8.27 -1.04 -12.63
N LYS B 45 -8.60 -2.18 -12.00
CA LYS B 45 -9.24 -3.37 -12.63
C LYS B 45 -8.47 -3.82 -13.89
N GLY B 46 -7.16 -3.57 -13.96
CA GLY B 46 -6.30 -3.95 -15.10
C GLY B 46 -6.36 -2.93 -16.23
N ALA B 47 -7.27 -1.97 -16.15
CA ALA B 47 -7.40 -0.82 -17.06
C ALA B 47 -6.03 -0.18 -17.31
N ALA B 48 -5.85 0.44 -18.48
CA ALA B 48 -4.65 1.22 -18.87
C ALA B 48 -4.65 2.56 -18.12
N LEU B 49 -3.52 3.28 -18.16
CA LEU B 49 -3.19 4.48 -17.36
C LEU B 49 -2.45 5.50 -18.22
N ARG B 50 -2.65 6.79 -17.93
CA ARG B 50 -2.07 7.93 -18.67
C ARG B 50 -1.03 8.58 -17.78
N SER B 51 0.10 8.99 -18.34
CA SER B 51 1.23 9.65 -17.65
C SER B 51 1.84 10.73 -18.58
N GLY B 52 1.22 11.91 -18.64
CA GLY B 52 1.42 12.88 -19.71
C GLY B 52 0.57 12.50 -20.92
N GLU B 53 1.17 12.48 -22.10
CA GLU B 53 0.65 11.72 -23.27
C GLU B 53 0.93 10.23 -23.08
N GLY B 54 2.11 9.89 -22.53
CA GLY B 54 2.55 8.54 -22.13
C GLY B 54 1.38 7.64 -21.74
N ARG B 55 1.30 6.45 -22.34
CA ARG B 55 0.32 5.40 -21.95
C ARG B 55 1.06 4.31 -21.17
N LEU B 56 0.45 3.82 -20.08
CA LEU B 56 0.94 2.62 -19.38
C LEU B 56 -0.02 1.47 -19.70
N ASP B 57 0.56 0.36 -20.13
CA ASP B 57 -0.22 -0.86 -20.44
C ASP B 57 0.05 -1.96 -19.42
N PRO B 58 -0.99 -2.64 -18.94
CA PRO B 58 -0.81 -3.74 -18.00
C PRO B 58 0.07 -4.81 -18.67
N TYR B 59 0.96 -5.42 -17.89
CA TYR B 59 1.87 -6.50 -18.33
C TYR B 59 1.63 -7.78 -17.51
N TRP B 60 1.51 -7.68 -16.19
CA TRP B 60 1.24 -8.83 -15.30
C TRP B 60 0.12 -8.45 -14.31
N GLY B 61 -0.66 -9.43 -13.85
CA GLY B 61 -1.79 -9.24 -12.93
C GLY B 61 -2.36 -10.55 -12.41
N ASP B 62 -2.90 -10.55 -11.20
CA ASP B 62 -3.50 -11.71 -10.48
C ASP B 62 -4.53 -11.21 -9.46
N VAL B 63 -5.81 -11.44 -9.70
CA VAL B 63 -6.93 -10.95 -8.86
C VAL B 63 -6.78 -11.58 -7.47
N LYS B 64 -6.24 -12.80 -7.38
CA LYS B 64 -6.15 -13.46 -6.05
C LYS B 64 -5.10 -12.75 -5.19
N GLN B 65 -3.95 -12.39 -5.79
CA GLN B 65 -2.90 -11.63 -5.08
C GLN B 65 -3.33 -10.17 -4.97
N ASP B 66 -4.33 -9.79 -5.73
CA ASP B 66 -4.89 -8.40 -5.86
C ASP B 66 -3.76 -7.48 -6.27
N LEU B 67 -2.93 -7.91 -7.23
CA LEU B 67 -1.76 -7.09 -7.69
C LEU B 67 -1.80 -6.91 -9.21
N VAL B 68 -1.02 -5.97 -9.75
CA VAL B 68 -0.87 -5.69 -11.21
C VAL B 68 0.34 -4.77 -11.46
N SER B 69 1.07 -5.02 -12.52
CA SER B 69 2.26 -4.25 -12.91
C SER B 69 2.03 -3.70 -14.33
N TYR B 70 2.61 -2.55 -14.67
CA TYR B 70 2.51 -1.89 -16.00
C TYR B 70 3.90 -1.66 -16.58
N CYS B 71 4.11 -1.94 -17.86
N CYS B 71 4.11 -1.94 -17.86
N CYS B 71 4.09 -2.00 -17.86
N CYS B 71 4.09 -2.00 -17.86
CA CYS B 71 5.34 -1.64 -18.65
CA CYS B 71 5.34 -1.64 -18.65
CA CYS B 71 5.30 -1.69 -18.68
CA CYS B 71 5.30 -1.69 -18.68
C CYS B 71 6.38 -2.76 -18.44
C CYS B 71 6.38 -2.76 -18.44
C CYS B 71 6.45 -2.63 -18.29
C CYS B 71 6.45 -2.63 -18.29
N GLY B 72 6.15 -3.67 -17.50
CA GLY B 72 7.13 -4.73 -17.17
C GLY B 72 6.64 -5.67 -16.06
N PRO B 73 7.45 -6.70 -15.77
CA PRO B 73 7.15 -7.63 -14.69
C PRO B 73 7.31 -6.99 -13.31
N TRP B 74 6.52 -7.48 -12.36
CA TRP B 74 6.70 -7.16 -10.91
C TRP B 74 8.17 -7.09 -10.54
N LYS B 75 8.60 -5.99 -9.90
CA LYS B 75 10.01 -5.63 -9.62
C LYS B 75 10.37 -5.67 -8.12
N LEU B 76 9.41 -5.80 -7.20
CA LEU B 76 9.62 -5.57 -5.75
C LEU B 76 9.68 -6.90 -4.99
N ASP B 77 10.87 -7.28 -4.57
CA ASP B 77 11.17 -8.61 -3.98
C ASP B 77 11.52 -8.48 -2.49
N ALA B 78 11.58 -7.28 -1.91
CA ALA B 78 11.91 -7.11 -0.47
C ALA B 78 10.76 -7.62 0.40
N ALA B 79 11.09 -8.26 1.54
CA ALA B 79 10.10 -8.88 2.48
C ALA B 79 10.20 -8.27 3.89
N TRP B 80 9.08 -8.10 4.60
CA TRP B 80 9.11 -7.91 6.07
C TRP B 80 9.97 -9.05 6.68
N ASP B 81 10.85 -8.70 7.63
CA ASP B 81 11.83 -9.65 8.23
C ASP B 81 11.16 -10.38 9.41
N GLY B 82 9.95 -9.97 9.82
CA GLY B 82 9.09 -10.60 10.85
C GLY B 82 9.26 -9.93 12.21
N LEU B 83 10.26 -9.07 12.36
CA LEU B 83 10.70 -8.46 13.66
C LEU B 83 10.49 -6.95 13.64
N SER B 84 11.24 -6.26 12.77
CA SER B 84 11.44 -4.79 12.73
C SER B 84 10.12 -4.03 12.53
N GLU B 85 10.13 -2.74 12.86
CA GLU B 85 8.99 -1.85 12.54
C GLU B 85 9.11 -1.50 11.06
N VAL B 86 8.07 -0.86 10.57
CA VAL B 86 7.95 -0.47 9.14
C VAL B 86 7.15 0.84 9.08
N GLN B 87 7.15 1.43 7.89
CA GLN B 87 6.50 2.73 7.63
C GLN B 87 5.51 2.49 6.49
N LEU B 88 4.21 2.73 6.74
CA LEU B 88 3.25 2.96 5.62
C LEU B 88 3.58 4.36 5.05
N LEU B 89 4.00 4.46 3.80
CA LEU B 89 4.17 5.78 3.12
C LEU B 89 2.81 6.02 2.53
N ALA B 90 1.89 6.45 3.39
CA ALA B 90 0.47 6.63 3.04
C ALA B 90 0.37 7.82 2.08
N VAL B 91 -0.52 7.78 1.10
CA VAL B 91 -0.84 8.91 0.19
C VAL B 91 -2.35 9.08 0.09
N PRO B 92 -2.98 9.79 1.03
CA PRO B 92 -4.43 9.91 1.02
C PRO B 92 -4.95 10.89 -0.03
N PRO B 93 -6.24 10.73 -0.39
CA PRO B 93 -6.87 11.63 -1.36
C PRO B 93 -6.79 13.06 -0.82
N GLY B 94 -6.39 14.00 -1.69
CA GLY B 94 -6.38 15.44 -1.40
C GLY B 94 -5.36 15.84 -0.36
N GLU B 95 -4.51 14.93 0.09
CA GLU B 95 -3.65 15.17 1.28
C GLU B 95 -2.24 14.72 0.90
N ARG B 96 -1.22 15.27 1.53
CA ARG B 96 0.22 15.04 1.20
C ARG B 96 0.73 13.68 1.71
N ALA B 97 1.62 13.06 0.94
N ALA B 97 1.62 13.06 0.94
N ALA B 97 1.63 13.07 0.95
N ALA B 97 1.63 13.07 0.95
CA ALA B 97 2.38 11.86 1.31
CA ALA B 97 2.38 11.86 1.31
CA ALA B 97 2.38 11.83 1.31
CA ALA B 97 2.38 11.83 1.31
C ALA B 97 2.94 12.04 2.72
C ALA B 97 2.94 12.04 2.72
C ALA B 97 3.00 12.00 2.69
C ALA B 97 3.00 12.00 2.69
N LYS B 98 2.96 10.98 3.52
N LYS B 98 2.96 10.98 3.52
N LYS B 98 2.84 11.02 3.57
N LYS B 98 2.84 11.02 3.57
CA LYS B 98 3.19 11.06 4.99
CA LYS B 98 3.19 11.06 4.99
CA LYS B 98 3.21 11.08 5.01
CA LYS B 98 3.21 11.08 5.01
C LYS B 98 3.58 9.68 5.54
C LYS B 98 3.58 9.68 5.54
C LYS B 98 3.59 9.70 5.53
C LYS B 98 3.59 9.70 5.53
N ASN B 99 4.82 9.52 6.01
CA ASN B 99 5.27 8.24 6.63
C ASN B 99 4.59 8.05 7.99
N ILE B 100 3.95 6.91 8.19
CA ILE B 100 3.43 6.42 9.50
C ILE B 100 4.23 5.19 9.90
N GLN B 101 4.93 5.22 11.02
CA GLN B 101 5.76 4.06 11.44
C GLN B 101 4.89 3.13 12.29
N THR B 102 5.01 1.81 12.11
CA THR B 102 4.18 0.83 12.86
C THR B 102 4.88 -0.53 12.93
N LEU B 103 4.48 -1.36 13.88
CA LEU B 103 4.95 -2.77 13.96
C LEU B 103 3.79 -3.62 13.45
N PRO B 104 4.06 -4.39 12.38
CA PRO B 104 3.04 -5.23 11.78
C PRO B 104 2.63 -6.36 12.75
N GLY B 105 1.32 -6.58 12.78
CA GLY B 105 0.65 -7.82 13.20
C GLY B 105 0.75 -8.88 12.11
N ILE B 106 -0.17 -9.84 12.12
CA ILE B 106 -0.05 -11.12 11.37
C ILE B 106 -1.44 -11.57 10.90
N PHE B 107 -1.57 -11.81 9.60
CA PHE B 107 -2.61 -12.67 8.99
C PHE B 107 -2.10 -14.11 9.07
N LYS B 108 -2.71 -14.93 9.93
CA LYS B 108 -2.55 -16.40 9.98
C LYS B 108 -3.57 -17.02 9.01
N THR B 109 -3.07 -17.68 7.96
CA THR B 109 -3.90 -18.35 6.91
C THR B 109 -3.41 -19.78 6.74
N LYS B 110 -4.32 -20.67 6.32
CA LYS B 110 -4.07 -22.10 5.95
C LYS B 110 -2.74 -22.21 5.18
N ASP B 111 -2.43 -21.26 4.29
CA ASP B 111 -1.23 -21.27 3.40
C ASP B 111 -0.04 -20.56 4.04
N GLY B 112 -0.21 -19.87 5.18
CA GLY B 112 0.93 -19.28 5.90
C GLY B 112 0.62 -17.95 6.57
N ASP B 113 1.64 -17.36 7.19
CA ASP B 113 1.56 -16.06 7.91
C ASP B 113 1.98 -14.92 6.99
N ILE B 114 1.15 -13.87 6.92
CA ILE B 114 1.45 -12.62 6.19
C ILE B 114 1.58 -11.51 7.23
N GLY B 115 2.55 -10.60 7.07
CA GLY B 115 2.51 -9.27 7.72
C GLY B 115 1.17 -8.57 7.54
N ALA B 116 0.71 -7.85 8.55
CA ALA B 116 -0.48 -7.00 8.46
C ALA B 116 -0.17 -5.70 9.20
N VAL B 117 -0.78 -4.59 8.74
N VAL B 117 -0.82 -4.61 8.77
N VAL B 117 -0.78 -4.59 8.74
N VAL B 117 -0.82 -4.61 8.77
CA VAL B 117 -0.58 -3.22 9.32
CA VAL B 117 -0.61 -3.22 9.28
CA VAL B 117 -0.58 -3.22 9.32
CA VAL B 117 -0.61 -3.22 9.28
C VAL B 117 -1.94 -2.67 9.70
C VAL B 117 -1.96 -2.66 9.70
C VAL B 117 -1.94 -2.67 9.70
C VAL B 117 -1.96 -2.66 9.70
N ALA B 118 -2.13 -2.33 10.98
CA ALA B 118 -3.41 -1.80 11.53
C ALA B 118 -3.38 -0.28 11.47
N LEU B 119 -3.65 0.26 10.28
CA LEU B 119 -3.68 1.71 10.03
C LEU B 119 -4.93 1.96 9.21
N ASP B 120 -5.69 2.97 9.56
CA ASP B 120 -7.00 3.17 8.91
C ASP B 120 -6.94 4.42 8.02
N TYR B 121 -7.20 4.29 6.73
CA TYR B 121 -7.09 5.41 5.77
C TYR B 121 -8.17 5.23 4.73
N PRO B 122 -8.59 6.29 4.01
CA PRO B 122 -9.65 6.15 3.02
C PRO B 122 -9.20 5.14 1.95
N ALA B 123 -10.15 4.42 1.37
CA ALA B 123 -9.90 3.38 0.35
C ALA B 123 -8.96 3.89 -0.78
N GLY B 124 -9.06 5.18 -1.14
CA GLY B 124 -8.19 5.86 -2.12
C GLY B 124 -6.71 5.72 -1.77
N THR B 125 -6.40 5.28 -0.56
CA THR B 125 -5.00 5.09 -0.12
C THR B 125 -4.52 3.72 -0.59
N SER B 126 -5.42 2.84 -1.07
CA SER B 126 -5.02 1.49 -1.54
C SER B 126 -3.90 1.61 -2.59
N GLY B 127 -2.76 0.98 -2.34
CA GLY B 127 -1.62 0.96 -3.26
C GLY B 127 -0.43 1.61 -2.64
N SER B 128 -0.67 2.35 -1.55
CA SER B 128 0.39 3.03 -0.82
C SER B 128 1.42 2.00 -0.36
N PRO B 129 2.70 2.24 -0.61
CA PRO B 129 3.74 1.26 -0.28
C PRO B 129 4.12 1.16 1.20
N ILE B 130 4.75 0.06 1.55
CA ILE B 130 5.20 -0.25 2.93
C ILE B 130 6.70 -0.51 2.89
N LEU B 131 7.47 0.12 3.80
CA LEU B 131 8.95 0.23 3.71
C LEU B 131 9.63 -0.47 4.87
N ASP B 132 10.80 -1.05 4.57
CA ASP B 132 11.83 -1.49 5.53
C ASP B 132 12.81 -0.34 5.73
N LYS B 133 13.71 -0.50 6.70
CA LYS B 133 14.57 0.58 7.26
C LYS B 133 15.61 1.00 6.21
N CYS B 134 16.00 0.09 5.32
CA CYS B 134 16.88 0.37 4.16
C CYS B 134 16.09 1.05 3.02
N GLY B 135 14.81 1.41 3.25
CA GLY B 135 13.96 2.12 2.26
C GLY B 135 13.40 1.23 1.14
N ARG B 136 13.51 -0.10 1.22
CA ARG B 136 13.00 -1.04 0.18
C ARG B 136 11.50 -1.28 0.35
N VAL B 137 10.75 -1.47 -0.74
CA VAL B 137 9.27 -1.67 -0.63
C VAL B 137 9.04 -3.16 -0.38
N ILE B 138 8.37 -3.49 0.72
CA ILE B 138 8.15 -4.90 1.16
C ILE B 138 6.69 -5.30 0.91
N GLY B 139 5.86 -4.37 0.42
CA GLY B 139 4.51 -4.70 -0.07
C GLY B 139 3.60 -3.49 -0.22
N LEU B 140 2.31 -3.69 -0.45
CA LEU B 140 1.33 -2.61 -0.69
C LEU B 140 0.16 -2.79 0.26
N TYR B 141 -0.36 -1.66 0.72
CA TYR B 141 -1.46 -1.53 1.70
C TYR B 141 -2.74 -1.35 0.90
N GLY B 142 -3.84 -1.93 1.36
CA GLY B 142 -5.17 -1.64 0.80
C GLY B 142 -5.97 -2.90 0.53
N ASN B 143 -5.41 -4.08 0.85
CA ASN B 143 -6.21 -5.33 0.81
C ASN B 143 -6.15 -6.02 2.17
N GLY B 144 -7.31 -6.20 2.79
CA GLY B 144 -7.39 -6.87 4.08
C GLY B 144 -8.82 -6.90 4.60
N VAL B 145 -8.99 -6.53 5.85
CA VAL B 145 -10.12 -7.02 6.71
C VAL B 145 -10.48 -5.96 7.75
N VAL B 146 -11.76 -5.93 8.14
CA VAL B 146 -12.34 -5.10 9.22
C VAL B 146 -12.53 -5.99 10.47
N ILE B 147 -11.94 -5.58 11.60
N ILE B 147 -11.94 -5.58 11.60
N ILE B 147 -11.98 -5.56 11.61
N ILE B 147 -11.98 -5.56 11.61
CA ILE B 147 -11.90 -6.36 12.87
CA ILE B 147 -11.90 -6.36 12.87
CA ILE B 147 -12.10 -6.25 12.93
CA ILE B 147 -12.10 -6.25 12.93
C ILE B 147 -13.00 -5.85 13.82
C ILE B 147 -13.00 -5.85 13.82
C ILE B 147 -13.37 -5.73 13.63
C ILE B 147 -13.37 -5.73 13.63
N LYS B 148 -13.27 -6.59 14.90
N LYS B 148 -13.27 -6.59 14.90
N LYS B 148 -13.90 -6.48 14.60
N LYS B 148 -13.90 -6.48 14.60
CA LYS B 148 -14.34 -6.29 15.89
CA LYS B 148 -14.34 -6.29 15.89
CA LYS B 148 -15.14 -6.14 15.33
CA LYS B 148 -15.14 -6.14 15.33
C LYS B 148 -14.63 -4.79 15.89
C LYS B 148 -14.63 -4.79 15.89
C LYS B 148 -15.19 -4.63 15.59
C LYS B 148 -15.19 -4.63 15.59
N ASN B 149 -13.64 -4.00 16.32
N ASN B 149 -13.64 -4.00 16.32
N ASN B 149 -14.13 -4.12 16.24
N ASN B 149 -14.13 -4.12 16.24
CA ASN B 149 -13.71 -2.53 16.57
CA ASN B 149 -13.71 -2.53 16.57
CA ASN B 149 -13.94 -2.69 16.59
CA ASN B 149 -13.94 -2.69 16.59
C ASN B 149 -14.57 -1.84 15.51
C ASN B 149 -14.57 -1.84 15.51
C ASN B 149 -14.54 -1.80 15.50
C ASN B 149 -14.54 -1.80 15.50
N GLY B 150 -14.36 -2.17 14.22
CA GLY B 150 -14.85 -1.41 13.06
C GLY B 150 -13.67 -0.82 12.29
N SER B 151 -12.45 -1.01 12.79
N SER B 151 -12.45 -1.02 12.80
N SER B 151 -12.45 -1.01 12.79
N SER B 151 -12.45 -1.02 12.80
CA SER B 151 -11.19 -0.46 12.20
CA SER B 151 -11.16 -0.54 12.25
CA SER B 151 -11.19 -0.46 12.20
CA SER B 151 -11.16 -0.54 12.25
C SER B 151 -10.65 -1.44 11.15
C SER B 151 -10.69 -1.46 11.11
C SER B 151 -10.65 -1.44 11.15
C SER B 151 -10.69 -1.46 11.11
N TYR B 152 -10.05 -0.89 10.09
CA TYR B 152 -9.44 -1.65 8.98
C TYR B 152 -8.03 -2.13 9.35
N VAL B 153 -7.72 -3.40 9.09
CA VAL B 153 -6.36 -4.00 9.11
C VAL B 153 -6.03 -4.51 7.69
N SER B 154 -4.89 -4.13 7.13
CA SER B 154 -4.44 -4.45 5.76
C SER B 154 -3.27 -5.42 5.83
N ALA B 155 -3.23 -6.37 4.90
CA ALA B 155 -2.03 -7.17 4.58
C ALA B 155 -0.93 -6.27 4.04
N ILE B 156 0.30 -6.74 4.27
CA ILE B 156 1.49 -6.40 3.47
C ILE B 156 1.47 -7.36 2.29
N THR B 157 0.86 -6.95 1.17
CA THR B 157 0.76 -7.70 -0.11
C THR B 157 2.03 -7.48 -0.96
N GLN B 158 2.83 -8.53 -1.15
CA GLN B 158 4.06 -8.50 -1.99
C GLN B 158 3.92 -9.45 -3.20
N GLY B 159 4.38 -9.03 -4.37
CA GLY B 159 4.41 -9.91 -5.55
C GLY B 159 5.68 -10.74 -5.56
N LYS B 160 5.75 -11.75 -6.43
CA LYS B 160 6.97 -12.55 -6.69
C LYS B 160 7.70 -11.93 -7.88
N ARG B 161 9.02 -11.74 -7.77
CA ARG B 161 9.89 -11.22 -8.86
C ARG B 161 10.52 -12.44 -9.57
N GLU B 162 10.87 -12.28 -10.86
CA GLU B 162 11.57 -13.33 -11.67
C GLU B 162 13.04 -12.95 -11.80
S DMS C . -10.69 -6.37 -3.52
S DMS C . -10.69 -6.37 -3.52
O DMS C . -10.84 -7.86 -3.47
O DMS C . -10.84 -7.86 -3.47
C1 DMS C . -9.23 -6.01 -2.56
C1 DMS C . -9.23 -6.01 -2.56
C2 DMS C . -11.88 -5.70 -2.39
C2 DMS C . -11.88 -5.70 -2.39
S DMS D . -10.06 0.83 2.70
S DMS D . -10.06 0.82 2.71
O DMS D . -10.68 0.19 3.92
O DMS D . -10.67 0.17 3.93
C1 DMS D . -9.80 -0.48 1.52
C1 DMS D . -9.80 -0.48 1.52
C2 DMS D . -8.36 1.13 3.10
C2 DMS D . -8.36 1.13 3.10
S DMS E . -10.76 -3.44 -18.28
O DMS E . -9.50 -4.17 -17.88
C1 DMS E . -10.28 -1.78 -18.61
C2 DMS E . -11.68 -3.15 -16.78
S DMS F . -10.01 -3.92 1.31
S DMS F . -10.01 -3.92 1.31
O DMS F . -9.35 -5.04 2.07
O DMS F . -9.35 -5.04 2.07
C1 DMS F . -9.88 -4.33 -0.41
C1 DMS F . -9.89 -4.34 -0.41
C2 DMS F . -11.75 -4.16 1.52
C2 DMS F . -11.75 -4.15 1.51
N1 A1BXH G . -13.82 -0.49 3.85
N1 A1BXH G . -13.82 -0.49 3.85
C4 A1BXH G . -10.33 0.07 2.70
C4 A1BXH G . -10.33 0.07 2.70
C5 A1BXH G . -9.18 0.82 3.06
C5 A1BXH G . -9.18 0.82 3.06
C6 A1BXH G . -9.19 1.62 4.16
C6 A1BXH G . -9.19 1.62 4.16
C7 A1BXH G . -10.34 1.73 4.96
C7 A1BXH G . -10.34 1.73 4.96
C8 A1BXH G . -11.47 1.04 4.64
C8 A1BXH G . -11.47 1.04 4.64
C1 A1BXH G . -12.65 -0.56 3.12
C1 A1BXH G . -12.65 -0.56 3.12
C2 A1BXH G . -12.58 -1.35 1.98
C2 A1BXH G . -12.58 -1.35 1.98
C3 A1BXH G . -11.36 -1.39 1.26
C3 A1BXH G . -11.36 -1.39 1.26
N2 A1BXH G . -10.28 -0.72 1.58
N2 A1BXH G . -10.28 -0.72 1.58
C9 A1BXH G . -11.50 0.19 3.50
C9 A1BXH G . -11.50 0.19 3.50
CL1 A1BXH G . -7.74 0.70 2.10
CL1 A1BXH G . -7.74 0.70 2.10
#